data_4GNR
#
_entry.id   4GNR
#
_cell.length_a   37.274
_cell.length_b   72.819
_cell.length_c   57.542
_cell.angle_alpha   90.00
_cell.angle_beta   105.10
_cell.angle_gamma   90.00
#
_symmetry.space_group_name_H-M   'P 1 21 1'
#
loop_
_entity.id
_entity.type
_entity.pdbx_description
1 polymer 'ABC transporter substrate-binding protein-branched chain amino acid transport'
2 non-polymer ISOLEUCINE
3 non-polymer 'MAGNESIUM ION'
4 non-polymer 'CHLORIDE ION'
5 water water
#
_entity_poly.entity_id   1
_entity_poly.type   'polypeptide(L)'
_entity_poly.pdbx_seq_one_letter_code
;GSVEEKTIKIGFNFEESGSLAAYGTAEQKGAQLAVDEINAAGGIDGKQIEVVDKDNKSETAEAASVTTNLVTQSKVSAVV
GPATSGATAAAVANATKAGVPLISPSATQDGLTKGQDYLFIGTFQDSFQGKIISNYVSEKLNAKKVVLYTDNASDYAKGI
AKSFRESYKGEIVADETFVAGDTDFQAALTKMKGKDFDAIVVPGYYNEAGKIVNQARGMGIDKPIVGGDGFNGEEFVQQA
TAEKASNIYFISGFSTTVEVSAKAKAFLDAYRAKYNEEPSTFAALAYDSVHLVANAAKGAKNSGEIKDNLA(MLY)TKDF
EGVTGQTSFDADHNTVKTAYMMTMNNGKVEAAEVVKP
;
_entity_poly.pdbx_strand_id   A
#
loop_
_chem_comp.id
_chem_comp.type
_chem_comp.name
_chem_comp.formula
CL non-polymer 'CHLORIDE ION' 'Cl -1'
MG non-polymer 'MAGNESIUM ION' 'Mg 2'
#
# COMPACT_ATOMS: atom_id res chain seq x y z
N LYS A 6 -21.22 7.79 -25.74
CA LYS A 6 -20.05 6.86 -25.61
C LYS A 6 -19.52 6.81 -24.18
N THR A 7 -18.49 6.01 -23.97
CA THR A 7 -17.91 5.86 -22.66
C THR A 7 -16.43 6.02 -22.64
N ILE A 8 -15.92 6.18 -21.42
N ILE A 8 -15.90 6.16 -21.44
CA ILE A 8 -14.49 6.28 -21.15
CA ILE A 8 -14.46 6.23 -21.31
C ILE A 8 -14.14 4.91 -20.53
C ILE A 8 -14.09 5.00 -20.48
N LYS A 9 -13.22 4.17 -21.16
N LYS A 9 -13.44 4.11 -21.18
CA LYS A 9 -12.82 2.84 -20.66
CA LYS A 9 -13.02 2.85 -20.62
C LYS A 9 -11.61 2.94 -19.73
C LYS A 9 -11.68 2.86 -19.92
N ILE A 10 -11.75 2.37 -18.53
N ILE A 10 -11.70 2.40 -18.68
CA ILE A 10 -10.70 2.36 -17.51
CA ILE A 10 -10.50 2.31 -17.87
C ILE A 10 -10.44 0.92 -17.05
C ILE A 10 -10.40 0.86 -17.42
N GLY A 11 -9.18 0.48 -17.11
CA GLY A 11 -8.88 -0.88 -16.65
C GLY A 11 -8.47 -0.88 -15.19
N PHE A 12 -8.83 -1.95 -14.50
CA PHE A 12 -8.29 -2.25 -13.18
C PHE A 12 -7.38 -3.48 -13.37
N ASN A 13 -6.21 -3.44 -12.74
CA ASN A 13 -5.24 -4.58 -12.77
C ASN A 13 -4.87 -4.81 -11.30
N PHE A 14 -5.66 -5.65 -10.61
CA PHE A 14 -5.50 -5.80 -9.18
C PHE A 14 -5.27 -7.25 -8.75
N GLU A 15 -4.58 -7.36 -7.61
CA GLU A 15 -4.29 -8.63 -6.93
C GLU A 15 -5.59 -9.04 -6.18
N GLU A 16 -6.53 -9.62 -6.92
CA GLU A 16 -7.85 -9.97 -6.39
C GLU A 16 -7.92 -11.38 -5.81
N SER A 17 -6.94 -12.21 -6.18
CA SER A 17 -6.78 -13.56 -5.66
C SER A 17 -5.27 -13.77 -5.46
N GLY A 18 -4.91 -14.83 -4.76
CA GLY A 18 -3.51 -15.12 -4.52
C GLY A 18 -3.01 -14.55 -3.19
N SER A 19 -1.69 -14.57 -3.03
N SER A 19 -1.71 -14.68 -2.99
CA SER A 19 -1.03 -14.22 -1.78
CA SER A 19 -0.99 -14.25 -1.77
C SER A 19 -1.11 -12.79 -1.35
C SER A 19 -1.05 -12.76 -1.37
N LEU A 20 -1.52 -11.91 -2.27
CA LEU A 20 -1.61 -10.46 -2.02
C LEU A 20 -3.05 -9.96 -2.16
N ALA A 21 -3.99 -10.90 -2.16
CA ALA A 21 -5.42 -10.61 -2.38
C ALA A 21 -6.03 -9.56 -1.48
N ALA A 22 -5.62 -9.54 -0.22
CA ALA A 22 -6.23 -8.56 0.67
C ALA A 22 -5.99 -7.13 0.17
N TYR A 23 -4.81 -6.90 -0.39
CA TYR A 23 -4.47 -5.56 -0.88
C TYR A 23 -5.26 -5.22 -2.15
N GLY A 24 -5.22 -6.11 -3.14
CA GLY A 24 -5.88 -5.83 -4.40
C GLY A 24 -7.38 -5.80 -4.29
N THR A 25 -7.96 -6.64 -3.43
CA THR A 25 -9.42 -6.64 -3.23
C THR A 25 -9.87 -5.32 -2.58
N ALA A 26 -9.09 -4.83 -1.61
CA ALA A 26 -9.41 -3.53 -0.98
C ALA A 26 -9.39 -2.43 -2.07
N GLU A 27 -8.39 -2.48 -2.94
CA GLU A 27 -8.27 -1.47 -4.00
C GLU A 27 -9.40 -1.59 -5.01
N GLN A 28 -9.77 -2.81 -5.37
CA GLN A 28 -10.90 -3.04 -6.26
C GLN A 28 -12.16 -2.37 -5.67
N LYS A 29 -12.39 -2.61 -4.38
CA LYS A 29 -13.59 -2.06 -3.72
C LYS A 29 -13.54 -0.53 -3.67
N GLY A 30 -12.40 0.03 -3.29
CA GLY A 30 -12.32 1.50 -3.22
C GLY A 30 -12.44 2.15 -4.61
N ALA A 31 -11.76 1.56 -5.60
CA ALA A 31 -11.81 2.08 -6.97
C ALA A 31 -13.22 1.99 -7.54
N GLN A 32 -13.86 0.84 -7.34
CA GLN A 32 -15.21 0.66 -7.89
C GLN A 32 -16.20 1.63 -7.22
N LEU A 33 -16.04 1.89 -5.92
CA LEU A 33 -16.91 2.85 -5.23
C LEU A 33 -16.78 4.23 -5.91
N ALA A 34 -15.54 4.66 -6.17
CA ALA A 34 -15.32 5.94 -6.83
C ALA A 34 -16.00 5.95 -8.22
N VAL A 35 -15.78 4.89 -9.01
CA VAL A 35 -16.40 4.82 -10.34
C VAL A 35 -17.92 4.94 -10.23
N ASP A 36 -18.50 4.17 -9.33
CA ASP A 36 -19.97 4.19 -9.17
C ASP A 36 -20.48 5.57 -8.87
N GLU A 37 -19.81 6.26 -7.96
CA GLU A 37 -20.23 7.61 -7.58
C GLU A 37 -20.09 8.60 -8.71
N ILE A 38 -18.95 8.54 -9.41
CA ILE A 38 -18.73 9.44 -10.54
C ILE A 38 -19.79 9.20 -11.61
N ASN A 39 -20.07 7.93 -11.88
CA ASN A 39 -21.09 7.57 -12.88
C ASN A 39 -22.47 8.07 -12.51
N ALA A 40 -22.81 7.94 -11.23
CA ALA A 40 -24.13 8.40 -10.72
C ALA A 40 -24.26 9.91 -10.85
N ALA A 41 -23.14 10.61 -10.77
CA ALA A 41 -23.10 12.07 -10.86
C ALA A 41 -23.02 12.57 -12.31
N GLY A 42 -23.04 11.66 -13.28
CA GLY A 42 -23.02 12.05 -14.70
C GLY A 42 -21.81 11.67 -15.51
N GLY A 43 -20.86 10.98 -14.88
CA GLY A 43 -19.66 10.55 -15.60
C GLY A 43 -18.62 11.64 -15.79
N ILE A 44 -17.80 11.52 -16.81
N ILE A 44 -17.79 11.42 -16.81
CA ILE A 44 -16.80 12.55 -17.07
CA ILE A 44 -16.66 12.28 -17.24
C ILE A 44 -17.11 13.05 -18.47
C ILE A 44 -17.03 13.02 -18.56
N ASP A 45 -17.21 14.36 -18.55
CA ASP A 45 -17.57 15.05 -19.80
C ASP A 45 -18.88 14.42 -20.33
N GLY A 46 -19.76 14.06 -19.39
CA GLY A 46 -21.04 13.43 -19.71
C GLY A 46 -20.99 11.97 -20.18
N LYS A 47 -19.79 11.38 -20.11
CA LYS A 47 -19.58 10.00 -20.53
C LYS A 47 -19.44 9.08 -19.34
N GLN A 48 -20.16 7.98 -19.35
CA GLN A 48 -20.00 6.99 -18.27
C GLN A 48 -18.63 6.29 -18.37
N ILE A 49 -18.10 5.96 -17.20
CA ILE A 49 -16.85 5.20 -17.10
C ILE A 49 -17.22 3.72 -17.21
N GLU A 50 -16.56 3.03 -18.13
CA GLU A 50 -16.73 1.59 -18.35
C GLU A 50 -15.47 0.94 -17.78
N VAL A 51 -15.64 0.09 -16.79
CA VAL A 51 -14.52 -0.58 -16.15
C VAL A 51 -14.29 -1.97 -16.73
N VAL A 52 -13.02 -2.28 -17.00
CA VAL A 52 -12.59 -3.64 -17.39
C VAL A 52 -11.71 -4.05 -16.19
N ASP A 53 -12.28 -4.88 -15.31
CA ASP A 53 -11.66 -5.25 -14.02
C ASP A 53 -11.01 -6.60 -14.11
N LYS A 54 -9.68 -6.64 -14.11
CA LYS A 54 -8.92 -7.84 -14.23
C LYS A 54 -8.15 -8.19 -12.96
N ASP A 55 -8.11 -9.48 -12.68
CA ASP A 55 -7.39 -10.06 -11.54
C ASP A 55 -6.00 -10.56 -12.04
N ASN A 56 -4.93 -10.03 -11.45
CA ASN A 56 -3.58 -10.47 -11.79
C ASN A 56 -3.09 -11.65 -10.94
N LYS A 57 -3.93 -12.15 -10.04
CA LYS A 57 -3.67 -13.39 -9.26
C LYS A 57 -2.45 -13.25 -8.34
N SER A 58 -2.04 -12.01 -8.05
CA SER A 58 -0.87 -11.74 -7.24
C SER A 58 0.44 -12.20 -7.91
N GLU A 59 0.43 -12.38 -9.22
CA GLU A 59 1.61 -12.87 -9.96
C GLU A 59 2.15 -11.81 -10.89
N THR A 60 3.47 -11.67 -10.92
CA THR A 60 4.08 -10.64 -11.75
C THR A 60 3.87 -10.86 -13.23
N ALA A 61 4.05 -12.09 -13.72
CA ALA A 61 3.87 -12.34 -15.14
C ALA A 61 2.42 -12.12 -15.56
N GLU A 62 1.48 -12.48 -14.70
CA GLU A 62 0.08 -12.28 -14.99
C GLU A 62 -0.24 -10.80 -14.99
N ALA A 63 0.34 -10.02 -14.07
CA ALA A 63 0.13 -8.57 -14.08
C ALA A 63 0.59 -7.97 -15.41
N ALA A 64 1.70 -8.47 -15.94
CA ALA A 64 2.22 -8.00 -17.23
C ALA A 64 1.26 -8.36 -18.38
N SER A 65 0.82 -9.61 -18.39
N SER A 65 0.80 -9.61 -18.46
N SER A 65 0.83 -9.61 -18.38
CA SER A 65 -0.08 -10.10 -19.44
CA SER A 65 -0.10 -10.00 -19.58
CA SER A 65 -0.08 -10.15 -19.41
C SER A 65 -1.41 -9.34 -19.43
C SER A 65 -1.48 -9.33 -19.46
C SER A 65 -1.42 -9.40 -19.43
N VAL A 66 -1.97 -9.18 -18.23
CA VAL A 66 -3.24 -8.47 -18.05
C VAL A 66 -3.10 -7.05 -18.60
N THR A 67 -1.96 -6.42 -18.36
CA THR A 67 -1.74 -5.04 -18.85
C THR A 67 -1.79 -5.02 -20.38
N THR A 68 -1.07 -5.92 -21.03
CA THR A 68 -1.08 -5.98 -22.49
C THR A 68 -2.51 -6.13 -23.01
N ASN A 69 -3.25 -7.06 -22.44
N ASN A 69 -3.27 -7.04 -22.40
CA ASN A 69 -4.60 -7.28 -22.90
CA ASN A 69 -4.66 -7.29 -22.82
C ASN A 69 -5.47 -6.03 -22.67
C ASN A 69 -5.56 -6.07 -22.62
N LEU A 70 -5.36 -5.40 -21.48
CA LEU A 70 -6.14 -4.19 -21.20
C LEU A 70 -5.89 -3.08 -22.23
N VAL A 71 -4.62 -2.86 -22.56
CA VAL A 71 -4.29 -1.72 -23.41
C VAL A 71 -4.40 -1.98 -24.90
N THR A 72 -4.30 -3.24 -25.32
CA THR A 72 -4.35 -3.56 -26.76
C THR A 72 -5.63 -4.27 -27.21
N GLN A 73 -6.27 -5.04 -26.36
CA GLN A 73 -7.49 -5.79 -26.73
C GLN A 73 -8.71 -5.02 -26.26
N SER A 74 -8.72 -4.71 -24.98
CA SER A 74 -9.79 -3.91 -24.39
C SER A 74 -9.66 -2.43 -24.78
N LYS A 75 -8.47 -2.03 -25.11
CA LYS A 75 -8.18 -0.67 -25.55
C LYS A 75 -8.60 0.40 -24.51
N VAL A 76 -8.25 0.14 -23.26
CA VAL A 76 -8.58 1.09 -22.20
C VAL A 76 -7.71 2.36 -22.33
N SER A 77 -8.20 3.44 -21.73
CA SER A 77 -7.50 4.73 -21.78
C SER A 77 -6.57 5.01 -20.60
N ALA A 78 -6.71 4.25 -19.51
CA ALA A 78 -5.90 4.37 -18.31
C ALA A 78 -6.04 3.07 -17.53
N VAL A 79 -5.04 2.76 -16.71
CA VAL A 79 -5.08 1.56 -15.86
C VAL A 79 -4.83 1.99 -14.40
N VAL A 80 -5.65 1.43 -13.51
CA VAL A 80 -5.49 1.61 -12.05
C VAL A 80 -5.06 0.25 -11.51
N GLY A 81 -3.98 0.26 -10.70
CA GLY A 81 -3.36 -0.96 -10.23
C GLY A 81 -2.22 -1.35 -11.16
N PRO A 82 -1.34 -2.28 -10.74
CA PRO A 82 -1.42 -3.07 -9.52
C PRO A 82 -1.20 -2.35 -8.20
N ALA A 83 -1.50 -3.08 -7.13
CA ALA A 83 -1.32 -2.59 -5.78
C ALA A 83 0.13 -2.68 -5.27
N THR A 84 0.82 -3.75 -5.69
CA THR A 84 2.13 -4.08 -5.12
C THR A 84 3.27 -3.76 -6.09
N SER A 85 4.47 -3.65 -5.54
CA SER A 85 5.60 -3.19 -6.32
C SER A 85 6.09 -4.14 -7.40
N GLY A 86 6.23 -5.42 -7.09
CA GLY A 86 6.73 -6.36 -8.10
C GLY A 86 5.81 -6.38 -9.31
N ALA A 87 4.51 -6.47 -9.04
CA ALA A 87 3.50 -6.49 -10.09
C ALA A 87 3.50 -5.18 -10.90
N THR A 88 3.63 -4.04 -10.21
CA THR A 88 3.65 -2.75 -10.90
C THR A 88 4.87 -2.64 -11.84
N ALA A 89 6.04 -3.04 -11.33
CA ALA A 89 7.27 -3.03 -12.11
C ALA A 89 7.13 -3.92 -13.37
N ALA A 90 6.40 -5.01 -13.24
CA ALA A 90 6.18 -5.93 -14.36
C ALA A 90 5.13 -5.44 -15.34
N ALA A 91 4.27 -4.52 -14.93
CA ALA A 91 3.20 -4.01 -15.77
C ALA A 91 3.53 -2.75 -16.57
N VAL A 92 4.45 -1.95 -16.05
CA VAL A 92 4.67 -0.63 -16.61
C VAL A 92 5.12 -0.58 -18.06
N ALA A 93 6.06 -1.44 -18.47
CA ALA A 93 6.53 -1.35 -19.86
C ALA A 93 5.42 -1.63 -20.86
N ASN A 94 4.52 -2.55 -20.51
CA ASN A 94 3.42 -2.89 -21.40
C ASN A 94 2.43 -1.75 -21.54
N ALA A 95 2.14 -1.05 -20.44
CA ALA A 95 1.27 0.11 -20.55
C ALA A 95 1.97 1.20 -21.40
N THR A 96 3.27 1.38 -21.16
CA THR A 96 4.06 2.40 -21.84
C THR A 96 4.08 2.19 -23.37
N LYS A 97 4.22 0.93 -23.79
CA LYS A 97 4.23 0.64 -25.22
C LYS A 97 3.01 1.13 -25.95
N ALA A 98 1.88 1.08 -25.25
CA ALA A 98 0.58 1.53 -25.80
C ALA A 98 0.29 2.99 -25.50
N GLY A 99 1.19 3.67 -24.78
CA GLY A 99 0.98 5.07 -24.43
C GLY A 99 -0.22 5.29 -23.51
N VAL A 100 -0.43 4.35 -22.59
CA VAL A 100 -1.53 4.40 -21.63
C VAL A 100 -0.98 4.63 -20.22
N PRO A 101 -1.47 5.67 -19.52
CA PRO A 101 -0.97 5.88 -18.16
C PRO A 101 -1.51 4.79 -17.22
N LEU A 102 -0.64 4.42 -16.29
CA LEU A 102 -0.93 3.45 -15.26
C LEU A 102 -0.62 4.11 -13.91
N ILE A 103 -1.60 4.07 -13.01
CA ILE A 103 -1.39 4.59 -11.67
C ILE A 103 -1.52 3.46 -10.67
N SER A 104 -0.44 3.24 -9.91
CA SER A 104 -0.51 2.33 -8.77
C SER A 104 -0.83 3.16 -7.54
N PRO A 105 -1.94 2.86 -6.86
CA PRO A 105 -2.23 3.65 -5.65
C PRO A 105 -1.20 3.49 -4.53
N SER A 106 -0.48 2.35 -4.55
CA SER A 106 0.20 1.89 -3.33
C SER A 106 1.56 1.25 -3.48
N ALA A 107 2.14 1.21 -4.69
CA ALA A 107 3.47 0.57 -4.87
C ALA A 107 4.54 1.55 -4.32
N THR A 108 5.23 1.13 -3.26
CA THR A 108 6.16 1.97 -2.53
C THR A 108 7.63 1.80 -2.90
N GLN A 109 7.96 0.95 -3.84
CA GLN A 109 9.38 0.73 -4.20
C GLN A 109 10.08 2.01 -4.60
N ASP A 110 11.21 2.33 -3.98
N ASP A 110 11.29 2.16 -4.09
CA ASP A 110 11.88 3.55 -4.39
CA ASP A 110 12.13 3.31 -4.36
C ASP A 110 12.33 3.41 -5.83
C ASP A 110 12.52 3.40 -5.85
N GLY A 111 12.32 4.56 -6.47
CA GLY A 111 12.75 4.75 -7.86
C GLY A 111 11.88 4.16 -8.93
N LEU A 112 10.73 3.67 -8.56
N LEU A 112 10.70 3.62 -8.58
CA LEU A 112 9.90 3.01 -9.52
CA LEU A 112 9.80 2.98 -9.61
C LEU A 112 9.45 3.90 -10.70
C LEU A 112 9.46 3.92 -10.76
N THR A 113 9.21 5.17 -10.43
CA THR A 113 8.80 6.10 -11.48
C THR A 113 9.94 6.74 -12.28
N LYS A 114 11.19 6.45 -11.97
N LYS A 114 11.19 6.49 -11.95
CA LYS A 114 12.30 7.14 -12.66
CA LYS A 114 12.29 7.20 -12.63
C LYS A 114 12.25 6.98 -14.17
C LYS A 114 12.26 7.00 -14.15
N GLY A 115 12.12 8.09 -14.89
CA GLY A 115 12.04 8.05 -16.35
C GLY A 115 10.78 7.46 -16.95
N GLN A 116 9.80 7.17 -16.10
CA GLN A 116 8.57 6.49 -16.57
C GLN A 116 7.50 7.51 -16.89
N ASP A 117 7.41 7.90 -18.14
N ASP A 117 7.41 7.90 -18.16
CA ASP A 117 6.46 8.93 -18.46
CA ASP A 117 6.40 8.89 -18.59
C ASP A 117 4.99 8.46 -18.30
C ASP A 117 4.97 8.46 -18.33
N TYR A 118 4.74 7.15 -18.28
CA TYR A 118 3.39 6.61 -18.15
C TYR A 118 3.07 5.99 -16.80
N LEU A 119 3.94 6.13 -15.80
CA LEU A 119 3.67 5.59 -14.48
C LEU A 119 3.46 6.72 -13.46
N PHE A 120 2.45 6.54 -12.62
CA PHE A 120 2.15 7.43 -11.51
C PHE A 120 2.02 6.59 -10.25
N ILE A 121 2.47 7.11 -9.12
CA ILE A 121 2.43 6.41 -7.83
C ILE A 121 1.69 7.28 -6.82
N GLY A 122 0.66 6.73 -6.19
CA GLY A 122 -0.16 7.50 -5.27
C GLY A 122 0.30 7.61 -3.82
N THR A 123 1.39 6.93 -3.49
CA THR A 123 1.83 6.78 -2.11
C THR A 123 3.29 7.17 -1.87
N PHE A 124 3.73 6.99 -0.63
CA PHE A 124 5.08 7.23 -0.20
C PHE A 124 6.00 6.05 -0.63
N GLN A 125 7.28 6.14 -0.28
CA GLN A 125 8.29 5.14 -0.68
C GLN A 125 8.89 4.38 0.50
N ASP A 126 9.56 3.28 0.18
CA ASP A 126 10.16 2.41 1.20
C ASP A 126 11.27 3.07 1.99
N SER A 127 12.06 3.92 1.38
N SER A 127 12.07 3.93 1.38
CA SER A 127 13.13 4.61 2.12
CA SER A 127 13.14 4.61 2.13
C SER A 127 12.50 5.42 3.26
C SER A 127 12.52 5.45 3.26
N PHE A 128 11.45 6.16 2.91
CA PHE A 128 10.65 7.00 3.84
C PHE A 128 10.12 6.09 4.97
N GLN A 129 9.56 4.91 4.62
CA GLN A 129 9.05 4.00 5.64
C GLN A 129 10.14 3.54 6.62
N GLY A 130 11.29 3.14 6.08
CA GLY A 130 12.37 2.66 6.95
C GLY A 130 12.87 3.72 7.93
N LYS A 131 12.93 4.95 7.45
CA LYS A 131 13.38 6.08 8.29
C LYS A 131 12.38 6.34 9.41
N ILE A 132 11.10 6.34 9.06
CA ILE A 132 10.04 6.53 10.05
C ILE A 132 10.09 5.41 11.10
N ILE A 133 10.23 4.16 10.64
CA ILE A 133 10.28 3.04 11.59
C ILE A 133 11.48 3.23 12.53
N SER A 134 12.65 3.53 11.99
CA SER A 134 13.83 3.76 12.83
C SER A 134 13.59 4.88 13.86
N ASN A 135 13.06 6.02 13.41
CA ASN A 135 12.80 7.13 14.33
C ASN A 135 11.80 6.74 15.41
N TYR A 136 10.75 6.05 15.02
CA TYR A 136 9.67 5.70 15.94
C TYR A 136 10.15 4.69 16.99
N VAL A 137 10.79 3.62 16.56
N VAL A 137 10.81 3.67 16.50
CA VAL A 137 11.25 2.64 17.56
CA VAL A 137 11.38 2.63 17.35
C VAL A 137 12.29 3.31 18.48
C VAL A 137 12.32 3.22 18.40
N SER A 138 13.14 4.17 17.94
CA SER A 138 14.17 4.83 18.76
C SER A 138 13.67 5.85 19.75
N GLU A 139 12.81 6.74 19.26
CA GLU A 139 12.32 7.87 20.06
C GLU A 139 10.97 7.74 20.74
N LYS A 140 10.12 6.86 20.22
N LYS A 140 10.12 6.85 20.24
CA LYS A 140 8.76 6.65 20.78
CA LYS A 140 8.81 6.64 20.85
C LYS A 140 8.60 5.30 21.56
C LYS A 140 8.76 5.33 21.67
N LEU A 141 9.24 4.25 21.05
CA LEU A 141 9.26 2.90 21.70
C LEU A 141 10.46 2.73 22.61
N ASN A 142 11.34 3.72 22.57
N ASN A 142 11.35 3.71 22.58
CA ASN A 142 12.55 3.79 23.38
CA ASN A 142 12.55 3.78 23.44
C ASN A 142 13.36 2.49 23.31
C ASN A 142 13.51 2.61 23.28
N ALA A 143 13.57 2.07 22.06
CA ALA A 143 14.36 0.86 21.79
C ALA A 143 15.84 1.03 21.40
N LYS A 144 16.74 0.62 22.29
CA LYS A 144 18.19 0.67 22.06
C LYS A 144 18.69 -0.64 21.42
N LYS A 145 17.87 -1.67 21.42
N LYS A 145 17.83 -1.66 21.47
CA LYS A 145 18.23 -2.95 20.79
CA LYS A 145 18.09 -2.99 20.93
C LYS A 145 16.97 -3.48 20.12
C LYS A 145 16.89 -3.48 20.12
N VAL A 146 17.10 -3.97 18.89
CA VAL A 146 15.99 -4.50 18.12
C VAL A 146 16.41 -5.76 17.37
N VAL A 147 15.38 -6.52 17.02
CA VAL A 147 15.49 -7.63 16.13
C VAL A 147 14.91 -7.13 14.77
N LEU A 148 15.57 -7.44 13.67
CA LEU A 148 15.13 -7.12 12.29
C LEU A 148 14.84 -8.49 11.66
N TYR A 149 13.61 -8.67 11.13
CA TYR A 149 13.15 -9.99 10.59
C TYR A 149 12.46 -9.67 9.28
N THR A 150 13.08 -10.05 8.18
CA THR A 150 12.65 -9.59 6.86
C THR A 150 12.36 -10.65 5.82
N ASP A 151 11.39 -10.34 4.95
CA ASP A 151 11.02 -11.23 3.81
C ASP A 151 12.16 -11.08 2.81
N ASN A 152 13.01 -12.10 2.75
N ASN A 152 13.11 -12.00 2.89
CA ASN A 152 14.19 -12.10 1.88
CA ASN A 152 14.33 -11.96 2.04
C ASN A 152 13.85 -12.38 0.42
C ASN A 152 14.08 -12.16 0.55
N ALA A 153 12.58 -12.65 0.15
N ALA A 153 12.92 -12.67 0.21
CA ALA A 153 12.13 -12.95 -1.21
CA ALA A 153 12.57 -12.91 -1.20
C ALA A 153 11.41 -11.74 -1.77
C ALA A 153 11.87 -11.70 -1.83
N SER A 154 11.61 -10.63 -1.08
N SER A 154 11.66 -10.65 -1.04
CA SER A 154 10.94 -9.39 -1.44
CA SER A 154 10.97 -9.47 -1.56
C SER A 154 11.73 -8.07 -1.57
C SER A 154 11.74 -8.13 -1.60
N ASP A 155 11.71 -7.45 -2.74
CA ASP A 155 12.41 -6.12 -2.92
C ASP A 155 11.76 -5.03 -2.01
N TYR A 156 10.46 -5.16 -1.78
CA TYR A 156 9.72 -4.27 -0.89
C TYR A 156 10.30 -4.35 0.51
N ALA A 157 10.33 -5.57 1.03
CA ALA A 157 10.79 -5.80 2.39
C ALA A 157 12.27 -5.41 2.52
N LYS A 158 13.05 -5.81 1.54
CA LYS A 158 14.48 -5.49 1.55
C LYS A 158 14.76 -3.99 1.48
N GLY A 159 13.91 -3.25 0.78
CA GLY A 159 14.06 -1.79 0.70
C GLY A 159 13.80 -1.12 2.05
N ILE A 160 12.74 -1.55 2.73
CA ILE A 160 12.45 -1.02 4.06
C ILE A 160 13.61 -1.38 5.01
N ALA A 161 14.04 -2.63 4.97
CA ALA A 161 15.14 -3.09 5.84
C ALA A 161 16.43 -2.28 5.60
N LYS A 162 16.76 -2.06 4.33
CA LYS A 162 17.97 -1.28 3.98
C LYS A 162 17.93 0.11 4.61
N SER A 163 16.79 0.78 4.44
CA SER A 163 16.64 2.11 5.00
C SER A 163 16.68 2.10 6.54
N PHE A 164 16.02 1.12 7.13
CA PHE A 164 16.03 0.99 8.57
C PHE A 164 17.48 0.85 9.10
N ARG A 165 18.24 -0.06 8.48
CA ARG A 165 19.64 -0.28 8.92
C ARG A 165 20.49 0.98 8.80
N GLU A 166 20.24 1.74 7.74
N GLU A 166 20.25 1.73 7.73
CA GLU A 166 20.99 3.00 7.51
CA GLU A 166 21.01 2.95 7.49
C GLU A 166 20.74 4.04 8.60
C GLU A 166 20.66 4.10 8.44
N SER A 167 19.48 4.13 9.00
N SER A 167 19.48 4.03 9.04
CA SER A 167 19.04 5.11 9.99
CA SER A 167 19.02 5.10 9.96
C SER A 167 19.22 4.77 11.46
C SER A 167 19.09 4.78 11.45
N TYR A 168 19.07 3.49 11.77
CA TYR A 168 19.07 3.06 13.17
C TYR A 168 20.43 3.08 13.86
N LYS A 169 20.50 3.74 15.02
CA LYS A 169 21.76 3.91 15.77
C LYS A 169 21.91 2.97 16.96
N GLY A 170 20.87 2.21 17.23
CA GLY A 170 20.90 1.24 18.31
C GLY A 170 21.54 -0.04 17.77
N GLU A 171 21.44 -1.11 18.56
CA GLU A 171 22.03 -2.37 18.15
C GLU A 171 20.98 -3.34 17.61
N ILE A 172 21.26 -3.88 16.45
CA ILE A 172 20.42 -4.90 15.82
C ILE A 172 21.02 -6.21 16.37
N VAL A 173 20.33 -6.78 17.37
CA VAL A 173 20.82 -7.99 18.08
C VAL A 173 20.60 -9.29 17.32
N ALA A 174 19.70 -9.27 16.35
CA ALA A 174 19.45 -10.43 15.51
C ALA A 174 18.89 -9.83 14.21
N ASP A 175 19.39 -10.33 13.08
CA ASP A 175 19.00 -9.84 11.74
C ASP A 175 18.76 -11.14 11.01
N GLU A 176 17.51 -11.60 11.19
N GLU A 176 17.51 -11.41 10.69
CA GLU A 176 16.95 -12.89 10.68
CA GLU A 176 17.21 -12.66 10.01
C GLU A 176 16.01 -12.77 9.47
C GLU A 176 16.21 -12.54 8.88
N THR A 177 15.81 -13.90 8.80
N THR A 177 15.97 -13.68 8.27
CA THR A 177 14.99 -13.92 7.59
CA THR A 177 15.02 -13.72 7.18
C THR A 177 13.92 -14.98 7.48
C THR A 177 14.11 -14.94 7.16
N PHE A 178 12.95 -14.66 6.60
CA PHE A 178 11.90 -15.63 6.29
C PHE A 178 11.66 -15.35 4.78
N VAL A 179 10.81 -16.13 4.14
CA VAL A 179 10.46 -15.83 2.73
C VAL A 179 8.95 -15.93 2.52
N ALA A 180 8.43 -15.14 1.58
CA ALA A 180 6.99 -15.19 1.28
C ALA A 180 6.62 -16.64 0.99
N GLY A 181 5.49 -17.04 1.54
CA GLY A 181 4.96 -18.40 1.40
C GLY A 181 5.20 -19.25 2.63
N ASP A 182 6.19 -18.86 3.43
CA ASP A 182 6.47 -19.60 4.66
C ASP A 182 5.29 -19.54 5.61
N THR A 183 5.10 -20.62 6.35
CA THR A 183 4.04 -20.66 7.36
C THR A 183 4.59 -21.06 8.75
N ASP A 184 5.86 -21.46 8.83
CA ASP A 184 6.56 -21.90 10.07
C ASP A 184 7.72 -20.96 10.34
N PHE A 185 7.67 -20.27 11.49
CA PHE A 185 8.70 -19.29 11.90
C PHE A 185 9.34 -19.67 13.25
N GLN A 186 9.15 -20.92 13.64
CA GLN A 186 9.58 -21.38 14.95
C GLN A 186 11.04 -21.27 15.28
N ALA A 187 11.89 -21.70 14.37
CA ALA A 187 13.34 -21.68 14.65
C ALA A 187 13.86 -20.29 14.90
N ALA A 188 13.51 -19.36 14.02
CA ALA A 188 13.98 -18.00 14.17
C ALA A 188 13.45 -17.36 15.43
N LEU A 189 12.14 -17.54 15.68
CA LEU A 189 11.54 -16.95 16.86
C LEU A 189 12.17 -17.50 18.16
N THR A 190 12.41 -18.81 18.16
CA THR A 190 13.05 -19.44 19.34
C THR A 190 14.41 -18.81 19.59
N LYS A 191 15.15 -18.60 18.51
N LYS A 191 15.17 -18.58 18.55
CA LYS A 191 16.47 -17.96 18.55
CA LYS A 191 16.47 -17.94 18.76
C LYS A 191 16.42 -16.52 19.11
C LYS A 191 16.28 -16.52 19.35
N MET A 192 15.38 -15.78 18.73
CA MET A 192 15.16 -14.39 19.21
C MET A 192 14.75 -14.25 20.66
N LYS A 193 13.90 -15.15 21.12
CA LYS A 193 13.32 -15.12 22.46
C LYS A 193 14.26 -15.01 23.67
N GLY A 194 15.37 -15.69 23.53
CA GLY A 194 16.40 -15.76 24.54
C GLY A 194 17.35 -14.60 24.57
N LYS A 195 17.05 -13.58 23.77
CA LYS A 195 17.86 -12.37 23.72
C LYS A 195 17.07 -11.16 24.18
N ASP A 196 17.68 -10.24 24.91
N ASP A 196 17.74 -10.22 24.84
CA ASP A 196 16.90 -9.10 25.29
CA ASP A 196 17.08 -8.99 25.31
C ASP A 196 16.82 -8.26 24.02
C ASP A 196 16.90 -8.02 24.13
N PHE A 197 15.66 -7.70 23.79
CA PHE A 197 15.41 -6.78 22.64
C PHE A 197 14.24 -5.98 23.12
N ASP A 198 14.07 -4.81 22.50
CA ASP A 198 13.01 -3.89 22.86
C ASP A 198 11.88 -3.88 21.82
N ALA A 199 12.15 -4.37 20.62
CA ALA A 199 11.16 -4.41 19.54
C ALA A 199 11.66 -5.32 18.44
N ILE A 200 10.69 -5.80 17.66
CA ILE A 200 10.99 -6.61 16.48
C ILE A 200 10.40 -5.86 15.26
N VAL A 201 11.25 -5.52 14.30
CA VAL A 201 10.85 -4.83 13.07
C VAL A 201 10.70 -5.91 11.99
N VAL A 202 9.52 -5.98 11.37
CA VAL A 202 9.19 -7.03 10.41
C VAL A 202 8.71 -6.47 9.07
N PRO A 203 9.64 -6.19 8.14
CA PRO A 203 9.28 -5.77 6.80
C PRO A 203 8.74 -7.02 6.05
N GLY A 204 7.52 -6.90 5.56
CA GLY A 204 6.86 -7.99 4.88
C GLY A 204 5.38 -7.74 4.71
N TYR A 205 4.76 -8.70 4.05
CA TYR A 205 3.33 -8.71 3.73
C TYR A 205 2.50 -9.46 4.79
N TYR A 206 1.18 -9.30 4.70
CA TYR A 206 0.31 -9.77 5.76
C TYR A 206 0.29 -11.27 6.00
N ASN A 207 0.42 -12.08 4.96
CA ASN A 207 0.35 -13.53 5.16
C ASN A 207 1.43 -14.02 6.07
N GLU A 208 2.64 -13.50 5.89
CA GLU A 208 3.75 -13.86 6.73
C GLU A 208 3.76 -13.07 8.04
N ALA A 209 3.61 -11.74 7.96
CA ALA A 209 3.67 -10.95 9.16
C ALA A 209 2.61 -11.36 10.19
N GLY A 210 1.40 -11.65 9.75
CA GLY A 210 0.37 -12.05 10.69
C GLY A 210 0.71 -13.37 11.38
N LYS A 211 1.22 -14.33 10.61
CA LYS A 211 1.64 -15.64 11.18
C LYS A 211 2.82 -15.45 12.14
N ILE A 212 3.74 -14.54 11.82
CA ILE A 212 4.89 -14.23 12.69
C ILE A 212 4.38 -13.68 14.03
N VAL A 213 3.45 -12.74 13.98
CA VAL A 213 2.87 -12.19 15.21
C VAL A 213 2.21 -13.31 16.03
N ASN A 214 1.46 -14.14 15.32
N ASN A 214 1.43 -14.14 15.35
CA ASN A 214 0.75 -15.24 15.93
CA ASN A 214 0.72 -15.23 16.03
C ASN A 214 1.67 -16.18 16.71
C ASN A 214 1.72 -16.14 16.76
N GLN A 215 2.73 -16.58 16.02
CA GLN A 215 3.72 -17.49 16.61
C GLN A 215 4.61 -16.84 17.68
N ALA A 216 4.96 -15.58 17.48
CA ALA A 216 5.79 -14.87 18.46
C ALA A 216 5.05 -14.74 19.77
N ARG A 217 3.84 -14.22 19.69
CA ARG A 217 3.02 -14.03 20.89
C ARG A 217 2.72 -15.40 21.52
N GLY A 218 2.49 -16.40 20.68
CA GLY A 218 2.20 -17.76 21.18
C GLY A 218 3.34 -18.32 22.02
N MET A 219 4.57 -18.00 21.67
CA MET A 219 5.70 -18.49 22.45
C MET A 219 6.17 -17.51 23.53
N GLY A 220 5.36 -16.51 23.83
CA GLY A 220 5.69 -15.60 24.92
C GLY A 220 6.47 -14.35 24.65
N ILE A 221 6.64 -14.03 23.38
CA ILE A 221 7.32 -12.78 23.01
C ILE A 221 6.22 -11.72 22.97
N ASP A 222 6.32 -10.76 23.88
CA ASP A 222 5.34 -9.67 24.05
C ASP A 222 5.76 -8.29 23.60
N LYS A 223 7.04 -8.13 23.34
CA LYS A 223 7.58 -6.82 22.94
C LYS A 223 6.96 -6.32 21.63
N PRO A 224 7.02 -5.00 21.42
CA PRO A 224 6.45 -4.42 20.19
C PRO A 224 6.94 -5.09 18.91
N ILE A 225 6.00 -5.31 18.01
CA ILE A 225 6.26 -5.81 16.63
C ILE A 225 5.84 -4.63 15.73
N VAL A 226 6.76 -4.16 14.89
CA VAL A 226 6.57 -2.96 14.09
C VAL A 226 6.72 -3.27 12.61
N GLY A 227 5.76 -2.80 11.83
CA GLY A 227 5.75 -3.06 10.41
C GLY A 227 5.57 -1.84 9.56
N GLY A 228 5.80 -2.07 8.26
CA GLY A 228 5.51 -1.08 7.24
C GLY A 228 4.03 -1.21 6.82
N ASP A 229 3.73 -0.62 5.68
CA ASP A 229 2.35 -0.55 5.21
C ASP A 229 1.75 -1.93 4.92
N GLY A 230 2.59 -2.95 4.75
CA GLY A 230 2.06 -4.29 4.54
C GLY A 230 1.20 -4.83 5.68
N PHE A 231 1.29 -4.26 6.88
CA PHE A 231 0.46 -4.71 8.02
C PHE A 231 -1.00 -4.22 7.94
N ASN A 232 -1.32 -3.30 7.02
CA ASN A 232 -2.69 -2.81 6.94
C ASN A 232 -3.64 -3.89 6.42
N GLY A 233 -4.88 -3.75 6.87
CA GLY A 233 -5.99 -4.60 6.48
C GLY A 233 -6.43 -5.59 7.53
N GLU A 234 -7.68 -6.05 7.41
N GLU A 234 -7.72 -5.93 7.47
CA GLU A 234 -8.20 -7.01 8.38
CA GLU A 234 -8.29 -6.88 8.41
C GLU A 234 -7.63 -8.43 8.18
C GLU A 234 -7.64 -8.27 8.30
N GLU A 235 -7.03 -8.73 7.04
N GLU A 235 -7.23 -8.66 7.12
CA GLU A 235 -6.50 -10.08 6.85
CA GLU A 235 -6.59 -9.99 6.91
C GLU A 235 -5.25 -10.27 7.73
C GLU A 235 -5.35 -10.20 7.81
N PHE A 236 -4.50 -9.19 7.95
CA PHE A 236 -3.34 -9.26 8.85
C PHE A 236 -3.85 -9.67 10.26
N VAL A 237 -4.91 -9.02 10.73
CA VAL A 237 -5.47 -9.32 12.03
C VAL A 237 -6.00 -10.75 12.09
N GLN A 238 -6.65 -11.20 11.02
CA GLN A 238 -7.15 -12.58 10.97
C GLN A 238 -6.01 -13.60 11.09
N GLN A 239 -4.89 -13.34 10.43
CA GLN A 239 -3.70 -14.22 10.47
C GLN A 239 -3.06 -14.19 11.86
N ALA A 240 -2.99 -13.01 12.46
CA ALA A 240 -2.39 -12.89 13.80
C ALA A 240 -3.27 -13.46 14.92
N THR A 241 -4.57 -13.29 14.69
CA THR A 241 -5.71 -13.53 15.56
C THR A 241 -5.77 -12.25 16.43
N ALA A 242 -6.99 -11.77 16.62
CA ALA A 242 -7.18 -10.51 17.38
C ALA A 242 -6.52 -10.54 18.75
N GLU A 243 -6.54 -11.70 19.40
N GLU A 243 -6.76 -11.65 19.45
CA GLU A 243 -5.91 -11.85 20.72
CA GLU A 243 -6.22 -11.84 20.79
C GLU A 243 -4.43 -11.45 20.74
C GLU A 243 -4.72 -11.75 20.90
N LYS A 244 -3.66 -12.06 19.84
N LYS A 244 -4.01 -11.97 19.79
CA LYS A 244 -2.22 -11.81 19.73
CA LYS A 244 -2.53 -11.89 19.77
C LYS A 244 -1.84 -10.54 19.03
C LYS A 244 -1.97 -10.59 19.14
N ALA A 245 -2.82 -9.90 18.41
CA ALA A 245 -2.53 -8.64 17.71
C ALA A 245 -2.52 -7.45 18.68
N SER A 246 -1.58 -7.54 19.62
CA SER A 246 -1.37 -6.51 20.64
C SER A 246 0.09 -6.09 20.63
N ASN A 247 0.31 -4.85 21.03
CA ASN A 247 1.64 -4.25 21.02
C ASN A 247 2.20 -4.30 19.57
N ILE A 248 1.31 -3.97 18.63
CA ILE A 248 1.61 -3.91 17.20
C ILE A 248 1.59 -2.44 16.76
N TYR A 249 2.58 -2.05 15.97
CA TYR A 249 2.69 -0.70 15.44
C TYR A 249 2.97 -0.79 13.96
N PHE A 250 2.34 0.03 13.14
CA PHE A 250 2.64 -0.03 11.69
C PHE A 250 2.27 1.27 10.98
N ILE A 251 2.92 1.47 9.84
CA ILE A 251 2.68 2.64 9.03
C ILE A 251 1.42 2.51 8.20
N SER A 252 0.66 3.62 8.14
CA SER A 252 -0.52 3.68 7.31
C SER A 252 -0.59 5.05 6.63
N GLY A 253 -1.33 5.13 5.55
CA GLY A 253 -1.55 6.38 4.82
C GLY A 253 -2.96 6.91 4.96
N PHE A 254 -3.72 6.37 5.91
CA PHE A 254 -5.11 6.75 6.13
C PHE A 254 -5.48 6.51 7.60
N SER A 255 -6.09 7.52 8.21
CA SER A 255 -6.53 7.42 9.59
C SER A 255 -7.92 8.00 9.76
N THR A 256 -8.72 7.29 10.55
CA THR A 256 -10.11 7.69 10.89
C THR A 256 -10.24 8.45 12.22
N THR A 257 -9.13 8.77 12.88
CA THR A 257 -9.22 9.51 14.14
C THR A 257 -8.34 10.72 14.33
N VAL A 258 -7.13 10.69 13.77
N VAL A 258 -7.16 10.69 13.72
CA VAL A 258 -6.23 11.82 13.98
CA VAL A 258 -6.23 11.80 13.87
C VAL A 258 -6.26 12.74 12.78
C VAL A 258 -6.30 12.76 12.73
N GLU A 259 -6.52 14.02 13.07
CA GLU A 259 -6.60 15.08 12.07
C GLU A 259 -7.40 14.55 10.88
N VAL A 260 -8.67 14.23 11.16
CA VAL A 260 -9.55 13.65 10.12
C VAL A 260 -10.33 14.67 9.34
N SER A 261 -10.09 14.64 8.04
CA SER A 261 -10.74 15.57 7.14
C SER A 261 -12.15 15.18 6.77
N ALA A 262 -12.88 16.15 6.25
CA ALA A 262 -14.22 15.92 5.78
C ALA A 262 -14.24 14.86 4.66
N LYS A 263 -13.29 14.92 3.72
N LYS A 263 -13.27 14.93 3.77
CA LYS A 263 -13.29 13.89 2.66
CA LYS A 263 -13.21 13.96 2.68
C LYS A 263 -13.04 12.50 3.23
C LYS A 263 -13.00 12.53 3.21
N ALA A 264 -12.17 12.39 4.24
CA ALA A 264 -11.92 11.09 4.85
C ALA A 264 -13.20 10.57 5.53
N LYS A 265 -13.90 11.45 6.22
CA LYS A 265 -15.13 11.08 6.90
C LYS A 265 -16.20 10.63 5.91
N ALA A 266 -16.34 11.37 4.83
CA ALA A 266 -17.33 11.06 3.81
C ALA A 266 -17.05 9.69 3.19
N PHE A 267 -15.77 9.39 2.94
CA PHE A 267 -15.37 8.12 2.37
C PHE A 267 -15.64 6.97 3.32
N LEU A 268 -15.30 7.14 4.60
CA LEU A 268 -15.54 6.10 5.59
C LEU A 268 -17.05 5.75 5.59
N ASP A 269 -17.88 6.79 5.66
N ASP A 269 -17.87 6.78 5.64
CA ASP A 269 -19.33 6.59 5.66
CA ASP A 269 -19.31 6.56 5.65
C ASP A 269 -19.82 5.89 4.38
C ASP A 269 -19.86 5.94 4.37
N ALA A 270 -19.32 6.36 3.23
CA ALA A 270 -19.77 5.83 1.94
C ALA A 270 -19.35 4.37 1.77
N TYR A 271 -18.13 4.05 2.19
CA TYR A 271 -17.60 2.69 2.06
C TYR A 271 -18.40 1.74 2.97
N ARG A 272 -18.63 2.18 4.21
CA ARG A 272 -19.44 1.38 5.12
C ARG A 272 -20.86 1.16 4.56
N ALA A 273 -21.46 2.20 3.99
CA ALA A 273 -22.83 2.04 3.45
C ALA A 273 -22.84 1.08 2.26
N LYS A 274 -21.84 1.19 1.40
CA LYS A 274 -21.81 0.36 0.20
C LYS A 274 -21.49 -1.10 0.48
N TYR A 275 -20.49 -1.33 1.32
CA TYR A 275 -19.92 -2.65 1.58
C TYR A 275 -20.17 -3.31 2.92
N ASN A 276 -20.65 -2.53 3.88
CA ASN A 276 -20.91 -3.01 5.23
C ASN A 276 -19.63 -3.63 5.81
N GLU A 277 -18.51 -2.99 5.46
CA GLU A 277 -17.15 -3.38 5.86
C GLU A 277 -16.31 -2.12 6.11
N GLU A 278 -15.21 -2.31 6.82
N GLU A 278 -15.24 -2.25 6.89
CA GLU A 278 -14.26 -1.22 7.15
CA GLU A 278 -14.32 -1.11 7.20
C GLU A 278 -13.24 -1.07 6.03
C GLU A 278 -13.21 -1.03 6.13
N PRO A 279 -12.96 0.15 5.56
CA PRO A 279 -11.94 0.25 4.52
C PRO A 279 -10.52 0.31 5.06
N SER A 280 -9.59 -0.23 4.30
N SER A 280 -9.60 -0.18 4.27
CA SER A 280 -8.17 -0.08 4.68
CA SER A 280 -8.19 -0.09 4.61
C SER A 280 -7.60 1.13 3.91
C SER A 280 -7.60 1.13 3.88
N THR A 281 -6.37 1.46 4.27
CA THR A 281 -5.64 2.54 3.61
C THR A 281 -5.56 2.27 2.11
N PHE A 282 -5.56 1.01 1.67
CA PHE A 282 -5.44 0.72 0.25
C PHE A 282 -6.73 1.02 -0.49
N ALA A 283 -7.89 0.76 0.13
CA ALA A 283 -9.16 1.17 -0.48
C ALA A 283 -9.18 2.71 -0.64
N ALA A 284 -8.73 3.43 0.39
CA ALA A 284 -8.71 4.89 0.36
C ALA A 284 -7.79 5.40 -0.76
N LEU A 285 -6.58 4.86 -0.86
CA LEU A 285 -5.65 5.27 -1.90
C LEU A 285 -6.22 4.99 -3.29
N ALA A 286 -6.87 3.84 -3.48
CA ALA A 286 -7.41 3.47 -4.79
C ALA A 286 -8.59 4.38 -5.19
N TYR A 287 -9.41 4.74 -4.21
CA TYR A 287 -10.53 5.68 -4.43
C TYR A 287 -9.95 7.00 -4.96
N ASP A 288 -8.91 7.51 -4.31
CA ASP A 288 -8.25 8.74 -4.78
C ASP A 288 -7.64 8.56 -6.17
N SER A 289 -7.02 7.41 -6.45
CA SER A 289 -6.43 7.19 -7.77
C SER A 289 -7.48 7.28 -8.87
N VAL A 290 -8.66 6.71 -8.64
CA VAL A 290 -9.72 6.83 -9.65
C VAL A 290 -10.11 8.29 -9.87
N HIS A 291 -10.29 9.06 -8.78
CA HIS A 291 -10.61 10.47 -8.94
C HIS A 291 -9.52 11.23 -9.68
N LEU A 292 -8.27 10.92 -9.40
CA LEU A 292 -7.15 11.58 -10.10
C LEU A 292 -7.26 11.33 -11.61
N VAL A 293 -7.51 10.08 -11.99
CA VAL A 293 -7.66 9.71 -13.41
C VAL A 293 -8.89 10.37 -14.02
N ALA A 294 -10.04 10.32 -13.32
CA ALA A 294 -11.27 10.90 -13.84
C ALA A 294 -11.11 12.39 -14.06
N ASN A 295 -10.48 13.09 -13.13
CA ASN A 295 -10.25 14.51 -13.30
C ASN A 295 -9.35 14.77 -14.50
N ALA A 296 -8.30 13.96 -14.64
CA ALA A 296 -7.34 14.09 -15.74
C ALA A 296 -7.98 13.79 -17.10
N ALA A 297 -9.04 12.99 -17.09
CA ALA A 297 -9.76 12.63 -18.31
C ALA A 297 -10.67 13.76 -18.83
N LYS A 298 -10.99 14.71 -17.97
N LYS A 298 -10.97 14.74 -17.97
CA LYS A 298 -11.85 15.83 -18.39
CA LYS A 298 -11.79 15.88 -18.38
C LYS A 298 -11.12 16.62 -19.50
C LYS A 298 -11.08 16.62 -19.52
N GLY A 299 -11.76 16.71 -20.65
CA GLY A 299 -11.21 17.38 -21.83
C GLY A 299 -10.09 16.62 -22.52
N ALA A 300 -9.78 15.41 -22.09
CA ALA A 300 -8.69 14.64 -22.70
C ALA A 300 -9.14 13.97 -23.98
N LYS A 301 -8.45 14.27 -25.07
N LYS A 301 -8.34 14.15 -25.03
CA LYS A 301 -8.81 13.71 -26.38
CA LYS A 301 -8.63 13.55 -26.35
C LYS A 301 -8.40 12.27 -26.57
C LYS A 301 -7.95 12.21 -26.58
N ASN A 302 -7.43 11.84 -25.78
N ASN A 302 -6.97 11.88 -25.75
CA ASN A 302 -6.87 10.51 -25.90
CA ASN A 302 -6.25 10.61 -25.91
C ASN A 302 -6.02 10.20 -24.65
C ASN A 302 -5.54 10.31 -24.59
N SER A 303 -5.40 9.03 -24.62
N SER A 303 -5.02 9.09 -24.51
CA SER A 303 -4.58 8.62 -23.42
CA SER A 303 -4.34 8.64 -23.31
C SER A 303 -3.30 9.46 -23.07
C SER A 303 -3.16 9.48 -22.98
N GLY A 304 -2.57 10.03 -24.04
CA GLY A 304 -1.39 10.86 -23.80
C GLY A 304 -1.79 12.13 -23.03
N GLU A 305 -2.98 12.63 -23.37
CA GLU A 305 -3.53 13.83 -22.68
C GLU A 305 -3.92 13.49 -21.23
N ILE A 306 -4.48 12.31 -20.99
CA ILE A 306 -4.77 11.90 -19.62
C ILE A 306 -3.43 11.90 -18.83
N LYS A 307 -2.38 11.31 -19.43
CA LYS A 307 -1.06 11.27 -18.83
C LYS A 307 -0.56 12.70 -18.52
N ASP A 308 -0.64 13.57 -19.51
CA ASP A 308 -0.16 14.95 -19.31
C ASP A 308 -0.94 15.65 -18.18
N ASN A 309 -2.25 15.46 -18.20
CA ASN A 309 -3.11 16.09 -17.19
C ASN A 309 -2.79 15.55 -15.79
N LEU A 310 -2.55 14.25 -15.69
CA LEU A 310 -2.14 13.68 -14.40
C LEU A 310 -0.85 14.31 -13.93
N ALA A 311 0.10 14.45 -14.83
CA ALA A 311 1.41 15.02 -14.46
C ALA A 311 1.30 16.47 -13.97
N MLY A 312 0.31 17.20 -14.47
CA MLY A 312 0.09 18.60 -14.04
CB MLY A 312 -0.65 19.42 -15.12
CG MLY A 312 0.12 19.60 -16.40
CD MLY A 312 -0.28 20.84 -17.21
CE MLY A 312 -1.77 21.13 -17.18
NZ MLY A 312 -2.61 20.46 -18.16
CH1 MLY A 312 -2.04 19.27 -18.72
CH2 MLY A 312 -3.96 20.26 -17.67
C MLY A 312 -0.74 18.72 -12.77
O MLY A 312 -1.05 19.82 -12.34
N THR A 313 -1.15 17.59 -12.18
CA THR A 313 -1.98 17.63 -10.97
C THR A 313 -1.09 17.97 -9.78
N LYS A 314 -1.22 19.21 -9.32
N LYS A 314 -1.21 19.19 -9.30
CA LYS A 314 -0.41 19.71 -8.20
CA LYS A 314 -0.35 19.63 -8.18
C LYS A 314 -1.14 20.01 -6.93
C LYS A 314 -1.12 20.04 -6.94
N ASP A 315 -2.46 20.05 -7.03
CA ASP A 315 -3.30 20.45 -5.90
C ASP A 315 -4.61 19.66 -5.69
N PHE A 316 -4.56 18.35 -5.88
CA PHE A 316 -5.74 17.52 -5.66
C PHE A 316 -5.94 17.29 -4.17
N GLU A 317 -7.18 17.38 -3.72
CA GLU A 317 -7.53 17.07 -2.33
C GLU A 317 -8.47 15.87 -2.37
N GLY A 318 -8.07 14.80 -1.69
CA GLY A 318 -8.85 13.58 -1.64
C GLY A 318 -9.00 13.03 -0.25
N VAL A 319 -9.38 11.77 -0.21
N VAL A 319 -9.37 11.75 -0.19
CA VAL A 319 -9.59 11.02 1.01
CA VAL A 319 -9.62 11.06 1.09
C VAL A 319 -8.33 10.88 1.84
C VAL A 319 -8.34 10.76 1.85
N THR A 320 -7.21 10.72 1.12
CA THR A 320 -5.87 10.54 1.73
C THR A 320 -5.08 11.85 1.69
N GLY A 321 -5.78 12.97 1.84
CA GLY A 321 -5.13 14.26 1.83
C GLY A 321 -4.80 14.71 0.44
N GLN A 322 -3.74 15.48 0.33
CA GLN A 322 -3.37 16.01 -0.95
C GLN A 322 -2.59 15.00 -1.80
N THR A 323 -2.76 15.17 -3.12
CA THR A 323 -1.87 14.55 -4.11
C THR A 323 -1.31 15.72 -4.94
N SER A 324 0.01 15.80 -5.01
CA SER A 324 0.71 16.84 -5.74
C SER A 324 1.90 16.18 -6.43
N PHE A 325 1.76 15.91 -7.73
CA PHE A 325 2.81 15.20 -8.43
C PHE A 325 4.01 16.09 -8.76
N ASP A 326 5.18 15.55 -8.52
CA ASP A 326 6.46 16.20 -8.83
C ASP A 326 6.85 15.74 -10.26
N ALA A 327 8.01 16.17 -10.72
CA ALA A 327 8.45 15.85 -12.09
C ALA A 327 8.61 14.35 -12.34
N ASP A 328 8.86 13.60 -11.27
CA ASP A 328 9.03 12.14 -11.30
C ASP A 328 7.72 11.40 -11.01
N HIS A 329 6.58 12.09 -11.08
CA HIS A 329 5.29 11.43 -10.90
C HIS A 329 5.09 10.80 -9.52
N ASN A 330 5.74 11.40 -8.55
CA ASN A 330 5.58 11.02 -7.14
C ASN A 330 4.90 12.16 -6.38
N THR A 331 4.24 11.81 -5.30
CA THR A 331 3.62 12.76 -4.41
C THR A 331 4.03 12.48 -2.98
N VAL A 332 4.27 13.55 -2.22
CA VAL A 332 4.47 13.41 -0.79
C VAL A 332 3.05 13.02 -0.27
N LYS A 333 3.02 12.18 0.75
CA LYS A 333 1.80 11.76 1.40
C LYS A 333 1.97 11.78 2.91
N THR A 334 0.89 12.11 3.60
CA THR A 334 0.88 12.02 5.06
C THR A 334 0.96 10.55 5.47
N ALA A 335 1.74 10.30 6.50
CA ALA A 335 1.88 8.96 7.07
C ALA A 335 1.54 9.02 8.55
N TYR A 336 1.03 7.89 9.03
CA TYR A 336 0.67 7.67 10.40
C TYR A 336 1.30 6.40 10.92
N MET A 337 1.69 6.41 12.20
CA MET A 337 2.10 5.19 12.88
C MET A 337 0.87 4.82 13.70
N MET A 338 0.32 3.64 13.43
CA MET A 338 -0.86 3.11 14.09
C MET A 338 -0.45 2.26 15.28
N THR A 339 -1.17 2.40 16.39
CA THR A 339 -1.00 1.60 17.60
C THR A 339 -2.20 0.63 17.65
N MET A 340 -1.91 -0.67 17.67
CA MET A 340 -2.92 -1.71 17.68
C MET A 340 -2.84 -2.62 18.90
N ASN A 341 -4.00 -2.84 19.51
CA ASN A 341 -4.14 -3.75 20.66
C ASN A 341 -5.45 -4.52 20.46
N ASN A 342 -5.40 -5.81 20.74
N ASN A 342 -5.43 -5.81 20.74
CA ASN A 342 -6.54 -6.71 20.59
CA ASN A 342 -6.62 -6.67 20.55
C ASN A 342 -7.10 -6.64 19.15
C ASN A 342 -7.13 -6.59 19.11
N GLY A 343 -6.21 -6.41 18.19
CA GLY A 343 -6.57 -6.34 16.76
C GLY A 343 -7.29 -5.09 16.30
N LYS A 344 -7.30 -4.07 17.16
CA LYS A 344 -7.95 -2.80 16.85
C LYS A 344 -6.97 -1.65 16.97
N VAL A 345 -7.10 -0.71 16.05
CA VAL A 345 -6.27 0.50 16.07
C VAL A 345 -6.85 1.41 17.15
N GLU A 346 -6.04 1.72 18.14
N GLU A 346 -6.03 1.70 18.16
CA GLU A 346 -6.45 2.56 19.26
CA GLU A 346 -6.47 2.56 19.28
C GLU A 346 -5.93 3.98 19.19
C GLU A 346 -5.80 3.93 19.31
N ALA A 347 -4.85 4.16 18.42
CA ALA A 347 -4.20 5.47 18.32
C ALA A 347 -3.49 5.57 16.99
N ALA A 348 -3.36 6.79 16.50
CA ALA A 348 -2.65 7.09 15.26
C ALA A 348 -1.84 8.37 15.54
N GLU A 349 -0.60 8.38 15.07
N GLU A 349 -0.62 8.39 15.03
CA GLU A 349 0.36 9.50 15.21
CA GLU A 349 0.25 9.55 15.19
C GLU A 349 0.92 9.92 13.86
C GLU A 349 0.82 9.90 13.82
N VAL A 350 0.77 11.18 13.48
CA VAL A 350 1.33 11.65 12.20
C VAL A 350 2.84 11.60 12.34
N VAL A 351 3.50 10.99 11.35
CA VAL A 351 4.94 10.80 11.34
C VAL A 351 5.53 11.13 10.00
N LYS A 352 6.77 11.60 10.02
CA LYS A 352 7.50 11.91 8.79
C LYS A 352 8.98 11.63 9.10
N PRO A 353 9.82 11.41 8.08
CA PRO A 353 11.23 11.16 8.35
C PRO A 353 11.92 12.31 9.02
N ILE B . 3.59 -0.92 -0.52
CA ILE B . 3.55 -2.38 -0.81
C ILE B . 4.20 -2.65 -2.16
O ILE B . 4.28 -3.83 -2.56
CB ILE B . 2.16 -3.03 -0.55
CG1 ILE B . 1.05 -2.21 -1.18
CG2 ILE B . 1.77 -3.26 1.01
CD1 ILE B . -0.31 -2.86 -1.03
OXT ILE B . 4.64 -1.67 -2.79
MG MG C . -16.44 -7.87 -12.07
MG MG D . 16.00 -4.77 28.66
MG MG E . -24.67 8.57 3.93
CL CL F . 0.46 -19.16 12.50
CL CL G . 8.66 -10.23 25.75
#